data_4HNJ
#
_entry.id   4HNJ
#
_cell.length_a   94.829
_cell.length_b   94.829
_cell.length_c   111.542
_cell.angle_alpha   90.000
_cell.angle_beta   90.000
_cell.angle_gamma   90.000
#
_symmetry.space_group_name_H-M   'P 42 2 2'
#
loop_
_entity.id
_entity.type
_entity.pdbx_description
1 polymer 'Bcl-2-like protein 1'
2 polymer 'Bcl-2-binding component 3'
3 water water
#
loop_
_entity_poly.entity_id
_entity_poly.type
_entity_poly.pdbx_seq_one_letter_code
_entity_poly.pdbx_strand_id
1 'polypeptide(L)'
;GSHMSQSNRELVVDFLSYKLSQKGYSWSQFSDVEENRTEAPEGTESEMETPSAINGNPSWHLADSPAVNGATGHSSSLDA
REVIPMAAVKQALREAGDEFELRYRRAFSDLTSQLHITPGTAYQSFEQVVNELFRDGVNWGRIVAFFSFGGALCVESVDK
EMQVLVSRIAAWMATYLNDHLEPWIQENGGWDTFVELYGNNAAAESRKGQER
;
A,B
2 'polypeptide(L)' EEQWAREIGAQLRRMADDLNAQYER C
#
# COMPACT_ATOMS: atom_id res chain seq x y z
N SER A 2 21.69 20.90 17.88
CA SER A 2 22.61 19.80 17.58
C SER A 2 22.07 18.48 18.10
N HIS A 3 21.64 18.47 19.36
CA HIS A 3 21.04 17.29 19.97
C HIS A 3 19.74 16.94 19.26
N MET A 4 18.98 17.96 18.91
CA MET A 4 17.71 17.79 18.22
C MET A 4 17.92 17.24 16.81
N SER A 5 19.05 17.60 16.20
CA SER A 5 19.37 17.13 14.85
C SER A 5 19.73 15.64 14.88
N GLN A 6 20.37 15.21 15.96
CA GLN A 6 20.77 13.82 16.11
C GLN A 6 19.56 12.95 16.44
N SER A 7 18.61 13.51 17.17
CA SER A 7 17.41 12.78 17.53
C SER A 7 16.54 12.53 16.30
N ASN A 8 16.57 13.46 15.36
CA ASN A 8 15.86 13.29 14.10
C ASN A 8 16.43 12.09 13.35
N ARG A 9 17.76 11.96 13.40
CA ARG A 9 18.44 10.81 12.82
C ARG A 9 17.98 9.52 13.48
N GLU A 10 17.79 9.57 14.80
CA GLU A 10 17.25 8.43 15.55
C GLU A 10 15.85 8.06 15.07
N LEU A 11 15.02 9.07 14.83
CA LEU A 11 13.66 8.85 14.39
C LEU A 11 13.62 8.19 13.03
N VAL A 12 14.33 8.77 12.08
CA VAL A 12 14.37 8.26 10.71
C VAL A 12 14.87 6.82 10.67
N VAL A 13 16.00 6.57 11.31
CA VAL A 13 16.58 5.23 11.36
C VAL A 13 15.58 4.27 11.97
N ASP A 14 14.94 4.69 13.06
CA ASP A 14 13.97 3.84 13.72
C ASP A 14 12.77 3.53 12.82
N PHE A 15 12.27 4.54 12.12
CA PHE A 15 11.12 4.35 11.25
C PHE A 15 11.46 3.40 10.11
N LEU A 16 12.63 3.61 9.50
CA LEU A 16 13.07 2.80 8.38
C LEU A 16 13.30 1.36 8.79
N SER A 17 13.84 1.17 9.99
CA SER A 17 14.05 -0.17 10.54
C SER A 17 12.71 -0.83 10.84
N TYR A 18 11.80 -0.07 11.46
CA TYR A 18 10.48 -0.58 11.79
C TYR A 18 9.72 -1.00 10.54
N LYS A 19 9.86 -0.23 9.47
CA LYS A 19 9.20 -0.56 8.21
C LYS A 19 9.77 -1.80 7.56
N LEU A 20 11.09 -1.99 7.67
CA LEU A 20 11.77 -3.10 7.04
C LEU A 20 11.39 -4.45 7.66
N SER A 21 11.44 -4.53 8.99
CA SER A 21 11.09 -5.76 9.68
C SER A 21 9.60 -6.06 9.48
N GLN A 22 8.78 -5.02 9.58
CA GLN A 22 7.35 -5.12 9.34
C GLN A 22 7.04 -5.77 7.99
N LYS A 23 7.91 -5.54 7.01
CA LYS A 23 7.70 -6.09 5.67
C LYS A 23 8.57 -7.34 5.45
N GLY A 24 9.13 -7.88 6.52
CA GLY A 24 9.83 -9.14 6.47
C GLY A 24 11.32 -9.10 6.20
N TYR A 25 12.01 -8.16 6.83
CA TYR A 25 13.47 -8.13 6.82
C TYR A 25 14.00 -7.90 8.23
N SER A 26 13.94 -8.93 9.06
CA SER A 26 14.47 -8.86 10.42
C SER A 26 15.95 -8.47 10.44
N TRP A 27 16.39 -7.90 11.57
CA TRP A 27 17.68 -7.22 11.70
C TRP A 27 17.71 -5.93 10.87
N ILE A 84 6.61 13.18 25.87
CA ILE A 84 7.96 13.70 26.05
C ILE A 84 9.09 12.77 25.60
N PRO A 85 9.14 11.53 26.12
CA PRO A 85 10.32 10.70 25.79
C PRO A 85 10.32 10.20 24.34
N MET A 86 11.51 9.86 23.85
CA MET A 86 11.69 9.40 22.47
C MET A 86 10.72 8.29 22.06
N ALA A 87 10.68 7.21 22.85
CA ALA A 87 9.89 6.04 22.52
C ALA A 87 8.43 6.37 22.21
N ALA A 88 7.88 7.35 22.91
CA ALA A 88 6.52 7.81 22.62
C ALA A 88 6.46 8.35 21.21
N VAL A 89 7.40 9.23 20.87
CA VAL A 89 7.47 9.84 19.56
C VAL A 89 7.62 8.80 18.47
N LYS A 90 8.52 7.84 18.68
CA LYS A 90 8.76 6.78 17.72
C LYS A 90 7.48 5.96 17.45
N GLN A 91 6.88 5.43 18.51
CA GLN A 91 5.66 4.65 18.36
C GLN A 91 4.57 5.46 17.68
N ALA A 92 4.45 6.73 18.04
CA ALA A 92 3.46 7.62 17.43
C ALA A 92 3.72 7.75 15.93
N LEU A 93 4.99 7.97 15.59
CA LEU A 93 5.41 8.09 14.20
C LEU A 93 5.16 6.80 13.43
N ARG A 94 5.55 5.67 14.04
CA ARG A 94 5.27 4.34 13.49
C ARG A 94 3.80 4.15 13.14
N GLU A 95 2.93 4.35 14.13
CA GLU A 95 1.50 4.21 13.96
C GLU A 95 0.93 5.14 12.90
N ALA A 96 1.31 6.41 12.96
CA ALA A 96 0.83 7.40 12.00
C ALA A 96 1.20 6.97 10.58
N GLY A 97 2.41 6.43 10.44
CA GLY A 97 2.87 5.89 9.17
C GLY A 97 2.04 4.70 8.75
N ASP A 98 1.74 3.81 9.69
CA ASP A 98 0.90 2.66 9.43
C ASP A 98 -0.49 3.07 8.93
N GLU A 99 -1.09 4.05 9.60
CA GLU A 99 -2.38 4.56 9.16
C GLU A 99 -2.28 5.12 7.75
N PHE A 100 -1.25 5.92 7.49
CA PHE A 100 -1.08 6.55 6.18
C PHE A 100 -1.03 5.49 5.08
N GLU A 101 -0.17 4.49 5.28
CA GLU A 101 -0.05 3.40 4.33
C GLU A 101 -1.36 2.61 4.20
N LEU A 102 -2.00 2.34 5.33
CA LEU A 102 -3.29 1.64 5.32
C LEU A 102 -4.39 2.37 4.53
N ARG A 103 -4.36 3.70 4.53
CA ARG A 103 -5.36 4.46 3.81
C ARG A 103 -5.06 4.59 2.32
N TYR A 104 -3.80 4.81 1.97
CA TYR A 104 -3.47 5.33 0.63
C TYR A 104 -2.59 4.46 -0.27
N ARG A 105 -1.83 3.53 0.31
CA ARG A 105 -0.88 2.69 -0.44
C ARG A 105 -1.40 2.20 -1.79
N ARG A 106 -2.69 1.87 -1.84
CA ARG A 106 -3.36 1.39 -3.04
C ARG A 106 -3.05 2.17 -4.32
N ALA A 107 -2.96 3.49 -4.20
CA ALA A 107 -2.84 4.36 -5.36
C ALA A 107 -1.50 4.18 -6.08
N PHE A 108 -0.49 3.83 -5.29
CA PHE A 108 0.84 3.62 -5.84
C PHE A 108 1.04 2.16 -6.20
N SER A 109 1.87 1.90 -7.21
CA SER A 109 2.27 0.55 -7.56
C SER A 109 3.63 0.30 -6.96
N ASP A 110 4.65 0.57 -7.76
CA ASP A 110 6.03 0.53 -7.32
C ASP A 110 6.55 1.95 -7.44
N LEU A 111 6.87 2.58 -6.30
CA LEU A 111 7.33 3.96 -6.30
C LEU A 111 8.59 4.14 -7.14
N THR A 112 9.52 3.20 -7.02
CA THR A 112 10.74 3.22 -7.83
C THR A 112 10.41 3.24 -9.33
N SER A 113 9.57 2.29 -9.75
CA SER A 113 9.13 2.19 -11.13
C SER A 113 8.43 3.47 -11.59
N GLN A 114 7.45 3.90 -10.81
CA GLN A 114 6.67 5.10 -11.12
C GLN A 114 7.53 6.36 -11.20
N LEU A 115 8.61 6.39 -10.43
CA LEU A 115 9.51 7.54 -10.40
C LEU A 115 10.60 7.43 -11.47
N HIS A 116 10.71 6.24 -12.06
CA HIS A 116 11.75 5.93 -13.03
C HIS A 116 13.14 6.12 -12.43
N ILE A 117 13.34 5.57 -11.24
CA ILE A 117 14.60 5.68 -10.53
C ILE A 117 15.68 4.82 -11.17
N THR A 118 16.60 5.47 -11.85
CA THR A 118 17.84 4.85 -12.32
C THR A 118 18.89 5.22 -11.27
N PRO A 119 19.98 4.45 -11.17
CA PRO A 119 20.93 4.60 -10.05
C PRO A 119 21.42 6.03 -9.81
N GLY A 120 21.70 6.77 -10.88
CA GLY A 120 22.20 8.12 -10.74
C GLY A 120 21.14 9.17 -10.47
N THR A 121 19.90 8.75 -10.24
CA THR A 121 18.82 9.70 -10.03
C THR A 121 17.91 9.40 -8.86
N ALA A 122 18.35 8.53 -7.96
CA ALA A 122 17.56 8.25 -6.76
C ALA A 122 17.47 9.51 -5.89
N TYR A 123 18.62 10.08 -5.54
CA TYR A 123 18.66 11.28 -4.71
C TYR A 123 17.84 12.42 -5.27
N GLN A 124 17.96 12.66 -6.58
CA GLN A 124 17.23 13.75 -7.22
C GLN A 124 15.73 13.51 -7.10
N SER A 125 15.31 12.32 -7.49
CA SER A 125 13.91 11.93 -7.45
C SER A 125 13.33 12.06 -6.05
N PHE A 126 14.08 11.60 -5.06
CA PHE A 126 13.70 11.80 -3.68
C PHE A 126 13.45 13.27 -3.39
N GLU A 127 14.48 14.09 -3.54
CA GLU A 127 14.40 15.51 -3.27
C GLU A 127 13.27 16.19 -4.03
N GLN A 128 13.09 15.80 -5.29
CA GLN A 128 12.01 16.35 -6.11
C GLN A 128 10.63 16.03 -5.53
N VAL A 129 10.43 14.77 -5.13
CA VAL A 129 9.17 14.34 -4.54
C VAL A 129 8.89 15.09 -3.23
N VAL A 130 9.87 15.10 -2.34
CA VAL A 130 9.72 15.72 -1.03
C VAL A 130 9.51 17.23 -1.15
N ASN A 131 10.21 17.86 -2.10
CA ASN A 131 10.05 19.29 -2.32
C ASN A 131 8.65 19.65 -2.81
N GLU A 132 8.08 18.79 -3.65
CA GLU A 132 6.72 18.99 -4.12
C GLU A 132 5.74 18.75 -2.99
N LEU A 133 6.07 17.80 -2.13
CA LEU A 133 5.25 17.46 -0.97
C LEU A 133 5.11 18.65 -0.03
N PHE A 134 6.19 19.41 0.12
CA PHE A 134 6.16 20.58 1.00
C PHE A 134 6.07 21.88 0.21
N ARG A 135 5.66 21.77 -1.05
CA ARG A 135 5.62 22.90 -1.99
C ARG A 135 5.12 24.21 -1.38
N ASP A 136 3.98 24.16 -0.71
CA ASP A 136 3.34 25.38 -0.21
C ASP A 136 3.22 25.43 1.32
N GLY A 137 3.99 24.60 2.02
CA GLY A 137 4.00 24.63 3.46
C GLY A 137 4.20 23.28 4.15
N VAL A 138 4.07 23.28 5.47
CA VAL A 138 4.24 22.07 6.28
C VAL A 138 3.10 21.84 7.28
N ASN A 139 2.59 20.63 7.32
CA ASN A 139 1.75 20.18 8.43
C ASN A 139 2.17 18.78 8.87
N TRP A 140 1.61 18.29 9.97
CA TRP A 140 2.00 16.97 10.47
C TRP A 140 1.61 15.86 9.51
N GLY A 141 0.55 16.08 8.75
CA GLY A 141 0.12 15.11 7.76
C GLY A 141 1.19 14.91 6.72
N ARG A 142 1.79 16.01 6.29
CA ARG A 142 2.86 15.98 5.30
C ARG A 142 4.14 15.34 5.84
N ILE A 143 4.48 15.68 7.08
CA ILE A 143 5.66 15.09 7.73
C ILE A 143 5.50 13.57 7.87
N VAL A 144 4.27 13.13 8.11
CA VAL A 144 3.98 11.71 8.20
C VAL A 144 4.19 11.08 6.83
N ALA A 145 3.67 11.73 5.80
CA ALA A 145 3.84 11.28 4.43
C ALA A 145 5.32 11.27 4.04
N PHE A 146 6.07 12.18 4.64
CA PHE A 146 7.51 12.26 4.43
C PHE A 146 8.21 10.99 4.91
N PHE A 147 8.00 10.66 6.19
CA PHE A 147 8.54 9.44 6.76
C PHE A 147 8.00 8.23 6.05
N SER A 148 6.71 8.28 5.70
CA SER A 148 6.06 7.16 5.05
C SER A 148 6.67 6.92 3.67
N PHE A 149 6.87 8.01 2.92
CA PHE A 149 7.45 7.94 1.58
C PHE A 149 8.87 7.37 1.59
N GLY A 150 9.71 7.88 2.49
CA GLY A 150 11.05 7.36 2.65
C GLY A 150 11.07 5.86 2.91
N GLY A 151 10.21 5.42 3.82
CA GLY A 151 10.14 4.01 4.19
C GLY A 151 9.78 3.10 3.02
N ALA A 152 8.86 3.57 2.19
CA ALA A 152 8.46 2.82 1.00
C ALA A 152 9.59 2.70 0.00
N LEU A 153 10.34 3.79 -0.17
CA LEU A 153 11.54 3.78 -1.00
C LEU A 153 12.54 2.75 -0.49
N CYS A 154 12.86 2.85 0.80
CA CYS A 154 13.84 1.98 1.42
C CYS A 154 13.50 0.50 1.24
N VAL A 155 12.30 0.12 1.66
CA VAL A 155 11.82 -1.26 1.53
C VAL A 155 11.89 -1.73 0.08
N GLU A 156 11.42 -0.88 -0.82
CA GLU A 156 11.47 -1.16 -2.25
C GLU A 156 12.90 -1.39 -2.75
N SER A 157 13.84 -0.60 -2.26
CA SER A 157 15.23 -0.70 -2.70
C SER A 157 15.88 -1.99 -2.22
N VAL A 158 15.78 -2.26 -0.92
CA VAL A 158 16.29 -3.49 -0.32
C VAL A 158 15.72 -4.73 -1.00
N ASP A 159 14.44 -4.67 -1.35
CA ASP A 159 13.79 -5.74 -2.08
C ASP A 159 14.48 -5.98 -3.43
N LYS A 160 14.60 -4.92 -4.22
CA LYS A 160 15.21 -5.02 -5.56
C LYS A 160 16.65 -5.49 -5.49
N GLU A 161 17.38 -5.01 -4.48
CA GLU A 161 18.78 -5.37 -4.33
C GLU A 161 18.97 -6.80 -3.88
N MET A 162 18.07 -7.29 -3.03
CA MET A 162 18.08 -8.69 -2.62
C MET A 162 18.00 -9.58 -3.86
N GLN A 163 17.07 -9.27 -4.74
CA GLN A 163 16.93 -9.97 -6.03
C GLN A 163 18.20 -9.89 -6.86
N VAL A 164 18.81 -8.71 -6.90
CA VAL A 164 20.02 -8.49 -7.69
C VAL A 164 21.16 -9.38 -7.20
N LEU A 165 21.38 -9.36 -5.89
CA LEU A 165 22.42 -10.16 -5.25
C LEU A 165 22.18 -11.66 -5.43
N VAL A 166 20.94 -12.09 -5.25
CA VAL A 166 20.57 -13.49 -5.48
C VAL A 166 20.81 -13.89 -6.93
N SER A 167 20.43 -13.01 -7.85
CA SER A 167 20.60 -13.27 -9.26
C SER A 167 22.07 -13.49 -9.64
N ARG A 168 22.95 -12.66 -9.09
CA ARG A 168 24.39 -12.75 -9.37
C ARG A 168 24.98 -14.04 -8.86
N ILE A 169 25.03 -14.19 -7.54
CA ILE A 169 25.62 -15.36 -6.90
C ILE A 169 25.06 -16.66 -7.47
N ALA A 170 23.77 -16.67 -7.80
CA ALA A 170 23.15 -17.81 -8.44
C ALA A 170 23.84 -18.12 -9.76
N ALA A 171 24.16 -17.08 -10.50
CA ALA A 171 24.80 -17.24 -11.80
C ALA A 171 26.24 -17.75 -11.65
N TRP A 172 26.97 -17.21 -10.67
CA TRP A 172 28.32 -17.69 -10.36
C TRP A 172 28.29 -19.17 -10.05
N MET A 173 27.40 -19.55 -9.15
CA MET A 173 27.30 -20.93 -8.67
C MET A 173 26.82 -21.86 -9.78
N ALA A 174 25.77 -21.45 -10.48
CA ALA A 174 25.21 -22.27 -11.55
C ALA A 174 26.19 -22.47 -12.71
N THR A 175 27.00 -21.45 -12.99
CA THR A 175 28.04 -21.59 -14.01
C THR A 175 29.09 -22.60 -13.55
N TYR A 176 29.45 -22.54 -12.27
CA TYR A 176 30.42 -23.47 -11.73
C TYR A 176 29.90 -24.90 -11.77
N LEU A 177 28.64 -25.05 -11.36
CA LEU A 177 27.96 -26.34 -11.32
C LEU A 177 28.04 -27.06 -12.66
N ASN A 178 27.73 -26.32 -13.72
CA ASN A 178 27.73 -26.87 -15.08
C ASN A 178 29.13 -27.09 -15.65
N ASP A 179 30.01 -26.13 -15.44
CA ASP A 179 31.35 -26.20 -16.00
C ASP A 179 32.28 -27.11 -15.20
N HIS A 180 31.94 -27.39 -13.94
CA HIS A 180 32.88 -28.09 -13.06
C HIS A 180 32.31 -29.26 -12.27
N LEU A 181 31.01 -29.27 -12.05
CA LEU A 181 30.43 -30.27 -11.15
C LEU A 181 29.44 -31.22 -11.81
N GLU A 182 28.72 -30.73 -12.83
CA GLU A 182 27.76 -31.58 -13.53
C GLU A 182 28.37 -32.88 -14.10
N PRO A 183 29.60 -32.84 -14.64
CA PRO A 183 30.16 -34.12 -15.08
C PRO A 183 30.29 -35.15 -13.97
N TRP A 184 30.76 -34.75 -12.80
CA TRP A 184 30.96 -35.68 -11.69
C TRP A 184 29.63 -36.19 -11.14
N ILE A 185 28.66 -35.28 -11.05
CA ILE A 185 27.31 -35.64 -10.64
C ILE A 185 26.74 -36.74 -11.53
N GLN A 186 26.92 -36.63 -12.84
CA GLN A 186 26.40 -37.64 -13.75
C GLN A 186 27.18 -38.95 -13.69
N GLU A 187 28.47 -38.87 -13.40
CA GLU A 187 29.29 -40.07 -13.26
C GLU A 187 28.87 -40.88 -12.05
N ASN A 188 28.33 -40.21 -11.04
CA ASN A 188 27.98 -40.86 -9.78
C ASN A 188 26.47 -40.99 -9.55
N GLY A 189 25.72 -41.23 -10.61
CA GLY A 189 24.30 -41.54 -10.48
C GLY A 189 23.35 -40.37 -10.38
N GLY A 190 23.86 -39.15 -10.50
CA GLY A 190 23.03 -37.97 -10.50
C GLY A 190 22.57 -37.55 -9.13
N TRP A 191 21.57 -36.68 -9.08
CA TRP A 191 21.06 -36.15 -7.82
C TRP A 191 20.26 -37.18 -7.06
N ASP A 192 19.74 -38.17 -7.77
CA ASP A 192 18.97 -39.24 -7.14
C ASP A 192 19.83 -40.01 -6.13
N THR A 193 21.10 -40.23 -6.46
CA THR A 193 21.99 -40.93 -5.54
C THR A 193 22.44 -40.04 -4.39
N PHE A 194 22.41 -38.73 -4.57
CA PHE A 194 22.65 -37.81 -3.46
C PHE A 194 21.50 -37.94 -2.47
N VAL A 195 20.28 -37.93 -2.99
CA VAL A 195 19.08 -38.01 -2.17
C VAL A 195 19.00 -39.36 -1.43
N GLU A 196 19.50 -40.43 -2.06
CA GLU A 196 19.57 -41.72 -1.39
C GLU A 196 20.55 -41.65 -0.22
N LEU A 197 21.69 -41.02 -0.45
CA LEU A 197 22.71 -40.86 0.59
C LEU A 197 22.25 -39.98 1.75
N TYR A 198 21.33 -39.05 1.48
CA TYR A 198 20.86 -38.13 2.51
C TYR A 198 19.35 -38.21 2.73
N GLY A 199 18.95 -38.91 3.78
CA GLY A 199 17.54 -39.09 4.10
C GLY A 199 17.22 -40.55 4.34
N SER B 2 -26.24 -21.89 14.39
CA SER B 2 -27.43 -21.13 14.00
C SER B 2 -27.44 -19.76 14.65
N HIS B 3 -27.34 -19.75 15.98
CA HIS B 3 -27.31 -18.50 16.74
C HIS B 3 -25.90 -17.90 16.74
N MET B 4 -24.88 -18.75 16.79
CA MET B 4 -23.50 -18.31 16.75
C MET B 4 -23.13 -17.82 15.35
N SER B 5 -23.86 -18.33 14.35
CA SER B 5 -23.65 -17.92 12.97
C SER B 5 -24.05 -16.47 12.76
N GLN B 6 -25.00 -16.00 13.59
CA GLN B 6 -25.40 -14.60 13.58
C GLN B 6 -24.24 -13.72 14.02
N SER B 7 -23.46 -14.21 14.98
CA SER B 7 -22.28 -13.50 15.47
C SER B 7 -21.18 -13.48 14.41
N ASN B 8 -21.06 -14.57 13.65
CA ASN B 8 -20.09 -14.65 12.58
C ASN B 8 -20.40 -13.68 11.44
N ARG B 9 -21.67 -13.64 11.03
CA ARG B 9 -22.12 -12.69 10.01
C ARG B 9 -21.96 -11.26 10.52
N GLU B 10 -22.06 -11.07 11.83
CA GLU B 10 -21.90 -9.76 12.44
C GLU B 10 -20.44 -9.34 12.46
N LEU B 11 -19.53 -10.31 12.55
CA LEU B 11 -18.11 -10.02 12.51
C LEU B 11 -17.66 -9.75 11.07
N VAL B 12 -18.17 -10.54 10.14
CA VAL B 12 -17.82 -10.41 8.73
C VAL B 12 -18.20 -9.01 8.22
N VAL B 13 -19.40 -8.58 8.57
CA VAL B 13 -19.87 -7.26 8.17
C VAL B 13 -19.06 -6.13 8.81
N ASP B 14 -18.76 -6.29 10.10
CA ASP B 14 -17.97 -5.31 10.84
C ASP B 14 -16.57 -5.16 10.25
N PHE B 15 -16.00 -6.25 9.78
CA PHE B 15 -14.66 -6.21 9.20
C PHE B 15 -14.67 -5.52 7.85
N LEU B 16 -15.59 -5.93 6.97
CA LEU B 16 -15.69 -5.36 5.64
C LEU B 16 -16.00 -3.86 5.65
N SER B 17 -16.88 -3.44 6.55
CA SER B 17 -17.24 -2.03 6.63
C SER B 17 -16.07 -1.23 7.20
N TYR B 18 -15.32 -1.87 8.09
CA TYR B 18 -14.12 -1.26 8.66
C TYR B 18 -13.05 -1.08 7.59
N LYS B 19 -12.82 -2.13 6.82
CA LYS B 19 -11.81 -2.11 5.76
C LYS B 19 -12.17 -1.11 4.69
N LEU B 20 -13.44 -1.09 4.31
CA LEU B 20 -13.93 -0.20 3.27
C LEU B 20 -13.82 1.28 3.65
N SER B 21 -14.20 1.60 4.88
CA SER B 21 -14.07 2.96 5.38
C SER B 21 -12.60 3.40 5.40
N GLN B 22 -11.77 2.57 6.03
CA GLN B 22 -10.33 2.75 6.07
C GLN B 22 -9.78 3.07 4.69
N LYS B 23 -10.35 2.41 3.70
CA LYS B 23 -9.92 2.56 2.31
C LYS B 23 -10.62 3.73 1.58
N GLY B 24 -11.44 4.48 2.30
CA GLY B 24 -12.07 5.67 1.72
C GLY B 24 -13.51 5.47 1.28
N TYR B 25 -14.09 4.35 1.67
CA TYR B 25 -15.49 4.09 1.35
C TYR B 25 -16.32 4.05 2.63
N SER B 26 -16.41 5.18 3.31
CA SER B 26 -17.02 5.22 4.64
C SER B 26 -18.53 5.08 4.60
N TRP B 27 -19.13 5.21 3.43
CA TRP B 27 -20.57 5.02 3.32
C TRP B 27 -20.93 3.55 3.52
N SER B 28 -19.92 2.69 3.51
CA SER B 28 -20.09 1.27 3.79
C SER B 28 -20.81 1.03 5.11
N GLN B 29 -20.62 1.92 6.07
CA GLN B 29 -21.30 1.83 7.37
C GLN B 29 -22.81 1.88 7.22
N PHE B 30 -23.29 2.68 6.26
CA PHE B 30 -24.72 2.96 6.13
C PHE B 30 -25.33 2.45 4.82
N SER B 31 -24.63 1.56 4.11
CA SER B 31 -25.10 1.10 2.81
C SER B 31 -26.12 -0.05 2.91
N ASP B 32 -26.00 -0.88 3.95
CA ASP B 32 -26.92 -1.98 4.15
C ASP B 32 -28.25 -1.44 4.67
N VAL B 33 -28.19 -0.22 5.21
CA VAL B 33 -29.35 0.47 5.75
C VAL B 33 -30.16 1.09 4.60
N GLU B 34 -29.49 1.34 3.48
CA GLU B 34 -30.11 1.96 2.31
C GLU B 34 -31.11 1.04 1.60
N GLU B 35 -31.17 -0.22 2.05
CA GLU B 35 -32.16 -1.17 1.54
C GLU B 35 -33.42 -1.14 2.40
N PRO B 85 -17.13 -10.36 24.92
CA PRO B 85 -17.72 -9.14 24.36
C PRO B 85 -17.46 -9.02 22.86
N MET B 86 -18.52 -8.86 22.07
CA MET B 86 -18.42 -8.77 20.62
C MET B 86 -17.52 -7.62 20.18
N ALA B 87 -17.66 -6.48 20.85
CA ALA B 87 -16.85 -5.29 20.55
C ALA B 87 -15.37 -5.57 20.71
N ALA B 88 -15.04 -6.46 21.64
CA ALA B 88 -13.65 -6.84 21.87
C ALA B 88 -13.16 -7.75 20.75
N VAL B 89 -14.02 -8.67 20.31
CA VAL B 89 -13.69 -9.60 19.23
C VAL B 89 -13.55 -8.86 17.91
N LYS B 90 -14.47 -7.92 17.67
CA LYS B 90 -14.44 -7.08 16.47
C LYS B 90 -13.14 -6.29 16.40
N GLN B 91 -12.83 -5.57 17.47
CA GLN B 91 -11.63 -4.73 17.52
C GLN B 91 -10.37 -5.56 17.39
N ALA B 92 -10.37 -6.75 18.01
CA ALA B 92 -9.22 -7.65 17.92
C ALA B 92 -9.01 -8.10 16.48
N LEU B 93 -10.09 -8.43 15.81
CA LEU B 93 -10.04 -8.90 14.43
C LEU B 93 -9.65 -7.79 13.46
N ARG B 94 -10.02 -6.56 13.81
CA ARG B 94 -9.66 -5.39 13.00
C ARG B 94 -8.15 -5.15 13.02
N GLU B 95 -7.58 -5.12 14.22
CA GLU B 95 -6.15 -4.91 14.39
C GLU B 95 -5.38 -6.02 13.71
N ALA B 96 -5.94 -7.23 13.75
CA ALA B 96 -5.31 -8.40 13.14
C ALA B 96 -5.18 -8.24 11.63
N GLY B 97 -6.29 -7.90 10.97
CA GLY B 97 -6.30 -7.71 9.53
C GLY B 97 -5.40 -6.58 9.08
N ASP B 98 -5.30 -5.53 9.89
CA ASP B 98 -4.39 -4.43 9.62
C ASP B 98 -2.96 -4.94 9.56
N GLU B 99 -2.57 -5.73 10.55
CA GLU B 99 -1.21 -6.23 10.66
C GLU B 99 -0.88 -7.20 9.53
N PHE B 100 -1.86 -7.99 9.12
CA PHE B 100 -1.68 -8.90 8.01
C PHE B 100 -1.40 -8.10 6.73
N GLU B 101 -2.21 -7.09 6.48
CA GLU B 101 -2.06 -6.27 5.29
C GLU B 101 -0.72 -5.54 5.30
N LEU B 102 -0.26 -5.11 6.47
CA LEU B 102 1.00 -4.38 6.59
C LEU B 102 2.20 -5.30 6.35
N ARG B 103 2.09 -6.55 6.80
CA ARG B 103 3.14 -7.54 6.66
C ARG B 103 3.27 -8.04 5.21
N TYR B 104 2.12 -8.21 4.55
CA TYR B 104 2.09 -8.79 3.20
C TYR B 104 1.48 -7.84 2.16
N ARG B 105 2.10 -7.80 0.98
CA ARG B 105 1.73 -6.80 -0.03
C ARG B 105 0.48 -7.15 -0.84
N ARG B 106 0.55 -8.24 -1.61
CA ARG B 106 -0.50 -8.57 -2.56
C ARG B 106 -0.64 -10.07 -2.80
N ALA B 107 -1.79 -10.48 -3.36
CA ALA B 107 -2.03 -11.87 -3.70
C ALA B 107 -2.11 -12.05 -5.22
N PHE B 108 -1.47 -11.13 -5.93
CA PHE B 108 -1.46 -11.12 -7.40
C PHE B 108 -2.87 -11.12 -7.99
N GLN B 124 -19.21 -18.04 -6.87
CA GLN B 124 -18.65 -18.80 -5.75
C GLN B 124 -17.43 -19.60 -6.19
N SER B 125 -16.66 -19.05 -7.12
CA SER B 125 -15.38 -19.63 -7.50
C SER B 125 -14.37 -19.25 -6.44
N PHE B 126 -14.70 -18.20 -5.70
CA PHE B 126 -13.93 -17.72 -4.56
C PHE B 126 -13.78 -18.81 -3.50
N GLU B 127 -14.78 -19.68 -3.41
CA GLU B 127 -14.81 -20.75 -2.42
C GLU B 127 -13.67 -21.75 -2.63
N GLN B 128 -13.19 -21.85 -3.85
CA GLN B 128 -12.07 -22.73 -4.17
C GLN B 128 -10.76 -22.09 -3.75
N VAL B 129 -10.65 -20.78 -3.97
CA VAL B 129 -9.44 -20.04 -3.62
C VAL B 129 -9.16 -20.11 -2.11
N VAL B 130 -10.22 -20.06 -1.32
CA VAL B 130 -10.10 -20.10 0.13
C VAL B 130 -9.76 -21.51 0.61
N ASN B 131 -10.27 -22.51 -0.09
CA ASN B 131 -9.92 -23.90 0.20
C ASN B 131 -8.41 -24.12 0.07
N GLU B 132 -7.77 -23.28 -0.73
CA GLU B 132 -6.32 -23.30 -0.88
C GLU B 132 -5.63 -22.73 0.36
N LEU B 133 -6.16 -21.62 0.87
CA LEU B 133 -5.57 -20.94 2.02
C LEU B 133 -5.62 -21.78 3.29
N PHE B 134 -6.45 -22.83 3.28
CA PHE B 134 -6.63 -23.68 4.46
C PHE B 134 -6.21 -25.13 4.21
N VAL B 138 -5.39 -25.33 9.19
CA VAL B 138 -6.37 -24.38 9.72
C VAL B 138 -5.99 -23.87 11.11
N ASN B 139 -5.46 -22.64 11.17
CA ASN B 139 -5.17 -21.97 12.44
C ASN B 139 -5.62 -20.50 12.40
N TRP B 140 -5.49 -19.81 13.53
CA TRP B 140 -5.96 -18.42 13.65
C TRP B 140 -5.39 -17.48 12.59
N GLY B 141 -4.10 -17.63 12.31
CA GLY B 141 -3.42 -16.80 11.33
C GLY B 141 -4.07 -16.91 9.96
N ARG B 142 -4.54 -18.10 9.61
CA ARG B 142 -5.22 -18.30 8.34
C ARG B 142 -6.63 -17.71 8.35
N ILE B 143 -7.31 -17.83 9.49
CA ILE B 143 -8.62 -17.23 9.66
C ILE B 143 -8.54 -15.71 9.50
N VAL B 144 -7.41 -15.15 9.93
CA VAL B 144 -7.15 -13.72 9.75
C VAL B 144 -6.83 -13.41 8.29
N ALA B 145 -6.05 -14.28 7.66
CA ALA B 145 -5.77 -14.16 6.24
C ALA B 145 -7.05 -14.24 5.43
N PHE B 146 -7.94 -15.14 5.87
CA PHE B 146 -9.26 -15.29 5.26
C PHE B 146 -10.02 -13.96 5.24
N PHE B 147 -10.14 -13.33 6.41
CA PHE B 147 -10.83 -12.06 6.52
C PHE B 147 -10.18 -10.98 5.69
N SER B 148 -8.85 -10.91 5.74
CA SER B 148 -8.09 -9.91 5.01
C SER B 148 -8.30 -10.05 3.51
N PHE B 149 -8.29 -11.29 3.03
CA PHE B 149 -8.52 -11.58 1.62
C PHE B 149 -9.87 -11.06 1.17
N GLY B 150 -10.89 -11.35 1.97
CA GLY B 150 -12.25 -10.95 1.65
C GLY B 150 -12.38 -9.45 1.52
N GLY B 151 -11.79 -8.73 2.47
CA GLY B 151 -11.78 -7.28 2.43
C GLY B 151 -11.02 -6.79 1.22
N ALA B 152 -9.86 -7.38 0.98
CA ALA B 152 -9.05 -7.07 -0.19
C ALA B 152 -9.87 -7.27 -1.46
N LEU B 153 -10.62 -8.35 -1.49
CA LEU B 153 -11.48 -8.67 -2.63
C LEU B 153 -12.52 -7.59 -2.86
N CYS B 154 -13.29 -7.26 -1.83
CA CYS B 154 -14.30 -6.20 -1.92
C CYS B 154 -13.69 -4.92 -2.45
N VAL B 155 -12.70 -4.42 -1.71
CA VAL B 155 -12.06 -3.14 -2.00
C VAL B 155 -11.62 -3.02 -3.46
N GLU B 156 -10.93 -4.05 -3.96
CA GLU B 156 -10.54 -4.09 -5.37
C GLU B 156 -11.76 -3.92 -6.27
N SER B 157 -12.80 -4.69 -5.97
CA SER B 157 -14.01 -4.70 -6.77
C SER B 157 -14.77 -3.38 -6.70
N VAL B 158 -14.77 -2.75 -5.53
CA VAL B 158 -15.40 -1.45 -5.40
C VAL B 158 -14.60 -0.40 -6.17
N ASP B 159 -13.28 -0.55 -6.17
CA ASP B 159 -12.41 0.31 -6.96
C ASP B 159 -12.73 0.24 -8.44
N LYS B 160 -12.67 -0.97 -9.00
CA LYS B 160 -12.83 -1.17 -10.44
C LYS B 160 -14.15 -0.59 -10.95
N GLU B 161 -15.22 -0.79 -10.19
CA GLU B 161 -16.53 -0.34 -10.65
C GLU B 161 -16.67 1.15 -10.51
N MET B 162 -16.12 1.70 -9.43
CA MET B 162 -16.19 3.14 -9.20
C MET B 162 -15.51 3.90 -10.33
N GLN B 163 -14.27 3.50 -10.64
CA GLN B 163 -13.52 4.14 -11.71
C GLN B 163 -14.28 4.03 -13.03
N VAL B 164 -14.75 2.83 -13.34
CA VAL B 164 -15.51 2.59 -14.57
C VAL B 164 -16.77 3.45 -14.61
N LEU B 165 -17.59 3.37 -13.56
CA LEU B 165 -18.85 4.09 -13.53
C LEU B 165 -18.65 5.61 -13.57
N VAL B 166 -17.77 6.11 -12.71
CA VAL B 166 -17.50 7.55 -12.65
C VAL B 166 -16.97 8.11 -13.97
N SER B 167 -15.98 7.44 -14.56
CA SER B 167 -15.39 7.92 -15.81
C SER B 167 -16.40 7.94 -16.95
N ARG B 168 -17.36 7.01 -16.93
CA ARG B 168 -18.45 7.01 -17.91
C ARG B 168 -19.28 8.28 -17.79
N ILE B 169 -19.82 8.51 -16.59
CA ILE B 169 -20.64 9.68 -16.33
C ILE B 169 -19.85 10.96 -16.57
N ALA B 170 -18.64 11.00 -16.04
CA ALA B 170 -17.76 12.15 -16.22
C ALA B 170 -17.53 12.42 -17.70
N ALA B 171 -17.35 11.35 -18.48
CA ALA B 171 -17.17 11.49 -19.91
C ALA B 171 -18.42 12.06 -20.55
N TRP B 172 -19.57 11.49 -20.18
CA TRP B 172 -20.86 11.93 -20.72
C TRP B 172 -21.14 13.39 -20.36
N MET B 173 -20.83 13.76 -19.12
CA MET B 173 -21.01 15.14 -18.68
C MET B 173 -20.09 16.08 -19.46
N ALA B 174 -18.80 15.74 -19.49
CA ALA B 174 -17.81 16.55 -20.17
C ALA B 174 -18.07 16.63 -21.67
N THR B 175 -18.52 15.52 -22.25
CA THR B 175 -18.86 15.47 -23.67
C THR B 175 -20.04 16.39 -23.98
N TYR B 176 -21.10 16.26 -23.19
CA TYR B 176 -22.29 17.08 -23.36
C TYR B 176 -21.99 18.55 -23.11
N LEU B 177 -21.31 18.83 -21.99
CA LEU B 177 -21.02 20.20 -21.59
C LEU B 177 -20.24 20.96 -22.65
N ASN B 178 -19.32 20.28 -23.31
CA ASN B 178 -18.53 20.89 -24.37
C ASN B 178 -19.28 21.01 -25.69
N ASP B 179 -20.09 19.99 -25.99
CA ASP B 179 -20.82 19.95 -27.25
C ASP B 179 -22.02 20.89 -27.28
N HIS B 180 -22.62 21.13 -26.12
CA HIS B 180 -23.88 21.88 -26.07
C HIS B 180 -23.86 23.16 -25.24
N LEU B 181 -23.21 23.13 -24.08
CA LEU B 181 -23.30 24.24 -23.15
C LEU B 181 -22.19 25.30 -23.30
N GLU B 182 -21.02 24.86 -23.78
CA GLU B 182 -19.87 25.76 -23.95
C GLU B 182 -20.12 27.03 -24.79
N PRO B 183 -20.77 26.90 -25.97
CA PRO B 183 -21.00 28.13 -26.73
C PRO B 183 -21.86 29.14 -25.99
N TRP B 184 -22.72 28.65 -25.10
CA TRP B 184 -23.60 29.54 -24.33
C TRP B 184 -22.86 30.23 -23.19
N ILE B 185 -21.89 29.53 -22.60
CA ILE B 185 -21.15 30.06 -21.45
C ILE B 185 -20.13 31.11 -21.87
N GLN B 186 -19.32 30.79 -22.88
CA GLN B 186 -18.36 31.74 -23.47
C GLN B 186 -19.08 33.01 -23.92
N GLU B 187 -20.27 32.83 -24.47
CA GLU B 187 -21.09 33.95 -24.92
C GLU B 187 -21.64 34.75 -23.75
N ASN B 188 -21.85 34.10 -22.61
CA ASN B 188 -22.51 34.74 -21.47
C ASN B 188 -21.61 35.14 -20.30
N GLY B 189 -20.47 35.74 -20.62
CA GLY B 189 -19.58 36.26 -19.60
C GLY B 189 -18.56 35.25 -19.12
N GLY B 190 -18.81 33.99 -19.45
CA GLY B 190 -17.92 32.90 -19.07
C GLY B 190 -18.21 32.39 -17.67
N TRP B 191 -17.30 31.57 -17.16
CA TRP B 191 -17.39 31.05 -15.80
C TRP B 191 -17.16 32.15 -14.77
N ASP B 192 -16.68 33.29 -15.24
CA ASP B 192 -16.44 34.44 -14.38
C ASP B 192 -17.78 34.96 -13.86
N THR B 193 -18.66 35.34 -14.79
CA THR B 193 -19.97 35.87 -14.43
C THR B 193 -20.79 34.89 -13.60
N PHE B 194 -20.61 33.59 -13.85
CA PHE B 194 -21.23 32.57 -12.99
C PHE B 194 -20.80 32.80 -11.56
N VAL B 195 -19.50 32.88 -11.35
CA VAL B 195 -18.95 33.14 -10.02
C VAL B 195 -19.44 34.49 -9.50
N GLU B 196 -19.52 35.48 -10.39
CA GLU B 196 -19.98 36.82 -10.03
C GLU B 196 -21.40 36.82 -9.46
N LEU B 197 -22.25 35.96 -9.99
CA LEU B 197 -23.63 35.85 -9.52
C LEU B 197 -23.69 35.24 -8.12
N TYR B 198 -22.64 34.52 -7.75
CA TYR B 198 -22.65 33.74 -6.51
C TYR B 198 -21.57 34.20 -5.53
N GLU C 2 6.98 12.59 -17.86
CA GLU C 2 7.88 13.62 -17.33
C GLU C 2 7.39 14.19 -16.00
N GLN C 3 8.33 14.54 -15.14
CA GLN C 3 8.06 15.08 -13.81
C GLN C 3 7.22 14.13 -12.97
N TRP C 4 7.59 12.85 -13.01
CA TRP C 4 6.92 11.81 -12.24
C TRP C 4 7.02 12.10 -10.75
N ALA C 5 8.17 12.64 -10.37
CA ALA C 5 8.44 13.00 -8.98
C ALA C 5 7.55 14.12 -8.50
N ARG C 6 7.34 15.11 -9.36
CA ARG C 6 6.41 16.19 -9.06
C ARG C 6 5.00 15.65 -8.93
N GLU C 7 4.60 14.83 -9.91
CA GLU C 7 3.27 14.20 -9.92
C GLU C 7 3.01 13.43 -8.63
N ILE C 8 3.91 12.51 -8.32
CA ILE C 8 3.79 11.65 -7.13
C ILE C 8 3.85 12.43 -5.83
N GLY C 9 4.79 13.38 -5.74
CA GLY C 9 4.90 14.22 -4.57
C GLY C 9 3.63 15.03 -4.36
N ALA C 10 2.95 15.36 -5.46
CA ALA C 10 1.69 16.08 -5.38
C ALA C 10 0.60 15.18 -4.84
N GLN C 11 0.62 13.91 -5.26
CA GLN C 11 -0.35 12.93 -4.79
C GLN C 11 -0.20 12.72 -3.29
N LEU C 12 1.04 12.54 -2.83
CA LEU C 12 1.35 12.41 -1.42
C LEU C 12 0.84 13.63 -0.64
N ARG C 13 0.96 14.81 -1.23
CA ARG C 13 0.58 16.05 -0.58
C ARG C 13 -0.93 16.11 -0.30
N ARG C 14 -1.72 15.67 -1.27
CA ARG C 14 -3.17 15.62 -1.12
C ARG C 14 -3.55 14.59 -0.08
N MET C 15 -2.87 13.45 -0.11
CA MET C 15 -3.10 12.37 0.84
C MET C 15 -2.71 12.82 2.24
N ALA C 16 -1.56 13.47 2.33
CA ALA C 16 -1.05 13.97 3.60
C ALA C 16 -2.03 14.95 4.24
N ASP C 17 -2.72 15.73 3.40
CA ASP C 17 -3.62 16.77 3.87
C ASP C 17 -4.95 16.22 4.41
N ASP C 18 -5.38 15.07 3.88
CA ASP C 18 -6.53 14.36 4.44
C ASP C 18 -6.22 13.90 5.85
N LEU C 19 -5.06 13.26 6.01
CA LEU C 19 -4.64 12.72 7.29
C LEU C 19 -4.54 13.82 8.34
N ASN C 20 -4.05 14.98 7.92
CA ASN C 20 -3.88 16.10 8.85
C ASN C 20 -5.22 16.69 9.25
N ALA C 21 -6.18 16.69 8.33
CA ALA C 21 -7.51 17.22 8.59
C ALA C 21 -8.26 16.40 9.63
N GLN C 22 -7.90 15.12 9.72
CA GLN C 22 -8.53 14.19 10.67
C GLN C 22 -7.73 14.10 11.97
N TYR C 23 -6.43 14.43 11.88
CA TYR C 23 -5.52 14.36 13.02
C TYR C 23 -5.42 12.97 13.65
#